data_7WLN
#
_entry.id   7WLN
#
_cell.length_a   90.970
_cell.length_b   95.762
_cell.length_c   110.085
_cell.angle_alpha   90.000
_cell.angle_beta   90.000
_cell.angle_gamma   90.000
#
_symmetry.space_group_name_H-M   'P 21 21 21'
#
loop_
_entity.id
_entity.type
_entity.pdbx_description
1 polymer 'Isoform 4 of Bromodomain-containing protein 2'
2 non-polymer 2-(2-cyclopentyl-1~{H}-imidazol-5-yl)-7-[2-(4-fluoranyl-2,6-dimethyl-phenoxy)-5-(2-oxidanylpropan-2-yl)phenyl]-5-methyl-furo[3,2-c]pyridin-4-one
3 non-polymer 'DIMETHYL SULFOXIDE'
4 non-polymer DI(HYDROXYETHYL)ETHER
5 non-polymer GLYCEROL
6 water water
#
_entity_poly.entity_id   1
_entity_poly.type   'polypeptide(L)'
_entity_poly.pdbx_seq_one_letter_code
;EGDIHMKKGHHHHHHENLYFQGGSGKLSEQLKHCNGILKELLSKKHAAYAWPFYKPVDASALGLHDYHDIIKHPMDLSTV
KRKMENRDYRDAQEFAADVRLMFSNCYKYNPPDHDVVAMARKLQDVFEFRYAKMPD
;
_entity_poly.pdbx_strand_id   A,B,C,D
#
# COMPACT_ATOMS: atom_id res chain seq x y z
N SER A 28 -6.81 1.56 31.89
CA SER A 28 -7.89 1.61 30.86
C SER A 28 -8.10 3.07 30.36
N GLU A 29 -7.13 3.60 29.59
CA GLU A 29 -7.20 5.01 29.11
C GLU A 29 -8.07 5.18 27.85
N GLN A 30 -7.78 4.32 26.87
CA GLN A 30 -8.52 4.25 25.61
C GLN A 30 -9.95 3.72 25.83
N LEU A 31 -10.08 2.74 26.73
CA LEU A 31 -11.39 2.22 27.17
C LEU A 31 -12.23 3.25 27.94
N LYS A 32 -11.56 4.18 28.63
CA LYS A 32 -12.27 5.27 29.31
C LYS A 32 -13.12 6.04 28.31
N HIS A 33 -12.55 6.35 27.15
CA HIS A 33 -13.29 7.09 26.11
C HIS A 33 -14.36 6.21 25.45
N CYS A 34 -14.09 4.91 25.31
CA CYS A 34 -15.11 3.97 24.86
C CYS A 34 -16.32 3.93 25.80
N ASN A 35 -16.05 3.98 27.10
CA ASN A 35 -17.12 3.99 28.11
C ASN A 35 -17.93 5.28 27.98
N GLY A 36 -17.25 6.39 27.72
CA GLY A 36 -17.93 7.65 27.43
C GLY A 36 -18.77 7.63 26.18
N ILE A 37 -18.34 6.89 25.14
CA ILE A 37 -19.11 6.70 23.90
C ILE A 37 -20.38 5.92 24.21
N LEU A 38 -20.23 4.82 24.95
CA LEU A 38 -21.37 3.99 25.34
C LEU A 38 -22.39 4.85 26.04
N LYS A 39 -21.92 5.57 27.07
CA LYS A 39 -22.75 6.50 27.83
C LYS A 39 -23.49 7.43 26.85
N GLU A 40 -22.74 7.98 25.91
CA GLU A 40 -23.32 8.84 24.89
C GLU A 40 -24.39 8.12 24.07
N LEU A 41 -24.11 6.91 23.60
CA LEU A 41 -25.12 6.16 22.84
C LEU A 41 -26.40 5.84 23.65
N LEU A 42 -26.26 5.66 24.97
CA LEU A 42 -27.41 5.35 25.85
C LEU A 42 -28.17 6.58 26.32
N SER A 43 -27.63 7.79 26.10
CA SER A 43 -28.23 9.02 26.64
C SER A 43 -29.58 9.39 26.05
N LYS A 44 -30.33 10.19 26.81
CA LYS A 44 -31.71 10.52 26.45
C LYS A 44 -31.77 11.21 25.10
N LYS A 45 -30.72 11.97 24.78
CA LYS A 45 -30.66 12.72 23.54
C LYS A 45 -30.79 11.86 22.28
N HIS A 46 -30.22 10.64 22.27
CA HIS A 46 -30.36 9.74 21.11
C HIS A 46 -31.47 8.68 21.23
N ALA A 47 -32.26 8.73 22.29
CA ALA A 47 -33.26 7.67 22.57
C ALA A 47 -34.29 7.48 21.46
N ALA A 48 -34.64 8.56 20.76
CA ALA A 48 -35.53 8.49 19.59
C ALA A 48 -35.15 7.41 18.59
N TYR A 49 -33.85 7.18 18.36
CA TYR A 49 -33.42 6.11 17.42
C TYR A 49 -32.54 5.00 18.05
N ALA A 50 -32.19 5.14 19.32
CA ALA A 50 -31.30 4.20 19.98
C ALA A 50 -32.02 3.02 20.62
N TRP A 51 -33.32 3.16 20.89
CA TRP A 51 -34.05 2.24 21.76
C TRP A 51 -34.16 0.79 21.25
N PRO A 52 -34.27 0.58 19.93
CA PRO A 52 -34.27 -0.84 19.52
C PRO A 52 -32.98 -1.59 19.75
N PHE A 53 -31.96 -0.93 20.30
CA PHE A 53 -30.69 -1.56 20.50
C PHE A 53 -30.32 -1.58 21.97
N TYR A 54 -31.28 -1.28 22.84
CA TYR A 54 -31.00 -1.27 24.28
C TYR A 54 -30.89 -2.69 24.81
N LYS A 55 -31.81 -3.55 24.39
CA LYS A 55 -31.88 -4.94 24.83
C LYS A 55 -31.74 -5.86 23.62
N PRO A 56 -31.53 -7.17 23.84
CA PRO A 56 -31.52 -8.07 22.69
C PRO A 56 -32.84 -8.02 21.98
N VAL A 57 -32.82 -8.33 20.71
CA VAL A 57 -34.03 -8.30 19.93
C VAL A 57 -34.93 -9.43 20.45
N ASP A 58 -36.16 -9.16 20.88
CA ASP A 58 -37.04 -10.28 21.31
C ASP A 58 -37.69 -10.96 20.10
N ALA A 59 -36.92 -11.88 19.53
CA ALA A 59 -37.29 -12.52 18.30
C ALA A 59 -38.50 -13.40 18.48
N SER A 60 -38.61 -14.11 19.61
CA SER A 60 -39.75 -15.03 19.84
C SER A 60 -41.02 -14.22 20.04
N ALA A 61 -40.95 -13.20 20.88
CA ALA A 61 -42.07 -12.30 21.07
C ALA A 61 -42.57 -11.65 19.78
N LEU A 62 -41.67 -11.29 18.88
CA LEU A 62 -42.04 -10.65 17.62
C LEU A 62 -42.50 -11.66 16.56
N GLY A 63 -42.24 -12.94 16.81
CA GLY A 63 -42.55 -13.99 15.84
C GLY A 63 -41.57 -13.98 14.68
N LEU A 64 -40.31 -13.68 14.97
CA LEU A 64 -39.23 -13.69 14.01
C LEU A 64 -38.51 -15.02 14.13
N HIS A 65 -39.14 -16.07 13.64
CA HIS A 65 -38.65 -17.43 13.87
C HIS A 65 -37.28 -17.65 13.25
N ASP A 66 -37.05 -17.08 12.07
CA ASP A 66 -35.73 -17.14 11.40
C ASP A 66 -34.57 -16.22 11.97
N TYR A 67 -34.81 -15.42 13.02
CA TYR A 67 -33.78 -14.45 13.45
C TYR A 67 -32.45 -15.11 13.81
N HIS A 68 -32.49 -16.14 14.65
CA HIS A 68 -31.27 -16.82 15.10
C HIS A 68 -30.66 -17.75 14.06
N ASP A 69 -31.42 -18.12 13.02
CA ASP A 69 -30.87 -18.84 11.86
C ASP A 69 -29.92 -17.91 11.10
N ILE A 70 -30.38 -16.67 10.88
CA ILE A 70 -29.63 -15.65 10.12
C ILE A 70 -28.55 -14.97 10.96
N ILE A 71 -28.85 -14.71 12.24
CA ILE A 71 -27.95 -13.97 13.13
C ILE A 71 -27.33 -14.91 14.16
N LYS A 72 -26.10 -15.34 13.84
CA LYS A 72 -25.35 -16.29 14.64
C LYS A 72 -24.83 -15.65 15.94
N HIS A 73 -24.56 -14.35 15.90
CA HIS A 73 -24.01 -13.64 17.04
C HIS A 73 -24.81 -12.38 17.33
N PRO A 74 -25.92 -12.49 18.09
CA PRO A 74 -26.74 -11.34 18.47
C PRO A 74 -25.96 -10.34 19.31
N MET A 75 -26.30 -9.07 19.23
CA MET A 75 -25.59 -8.05 19.98
C MET A 75 -26.45 -6.84 20.26
N ASP A 76 -26.24 -6.23 21.42
CA ASP A 76 -27.03 -5.06 21.81
C ASP A 76 -26.28 -4.25 22.84
N LEU A 77 -26.78 -3.05 23.12
CA LEU A 77 -26.06 -2.13 23.98
C LEU A 77 -25.99 -2.57 25.42
N SER A 78 -27.02 -3.23 25.93
CA SER A 78 -26.95 -3.72 27.30
C SER A 78 -25.88 -4.81 27.45
N THR A 79 -25.77 -5.69 26.44
CA THR A 79 -24.70 -6.68 26.40
C THR A 79 -23.30 -6.07 26.34
N VAL A 80 -23.14 -4.99 25.56
CA VAL A 80 -21.88 -4.25 25.53
C VAL A 80 -21.57 -3.67 26.93
N LYS A 81 -22.57 -3.03 27.53
CA LYS A 81 -22.46 -2.45 28.87
C LYS A 81 -22.12 -3.48 29.93
N ARG A 82 -22.79 -4.62 29.86
CA ARG A 82 -22.49 -5.73 30.75
C ARG A 82 -21.00 -6.10 30.62
N LYS A 83 -20.53 -6.25 29.38
CA LYS A 83 -19.13 -6.57 29.09
C LYS A 83 -18.16 -5.49 29.59
N MET A 84 -18.54 -4.23 29.40
CA MET A 84 -17.74 -3.08 29.82
C MET A 84 -17.60 -3.04 31.33
N GLU A 85 -18.73 -3.17 32.03
CA GLU A 85 -18.81 -3.19 33.51
C GLU A 85 -17.93 -4.29 34.11
N ASN A 86 -17.84 -5.42 33.42
CA ASN A 86 -17.03 -6.56 33.82
C ASN A 86 -15.55 -6.50 33.40
N ARG A 87 -15.12 -5.38 32.82
CA ARG A 87 -13.74 -5.20 32.32
C ARG A 87 -13.34 -6.18 31.21
N ASP A 88 -14.29 -6.59 30.38
CA ASP A 88 -14.05 -7.61 29.34
C ASP A 88 -13.37 -7.12 28.06
N TYR A 89 -13.42 -5.83 27.74
CA TYR A 89 -12.80 -5.36 26.50
C TYR A 89 -11.31 -5.15 26.76
N ARG A 90 -10.48 -5.77 25.91
CA ARG A 90 -9.02 -5.62 25.97
C ARG A 90 -8.55 -4.24 25.51
N ASP A 91 -9.06 -3.82 24.35
CA ASP A 91 -8.71 -2.54 23.71
C ASP A 91 -9.94 -1.96 23.06
N ALA A 92 -9.83 -0.76 22.52
CA ALA A 92 -10.97 -0.13 21.81
C ALA A 92 -11.44 -0.89 20.54
N GLN A 93 -10.57 -1.68 19.91
CA GLN A 93 -10.90 -2.40 18.69
C GLN A 93 -11.93 -3.49 18.99
N GLU A 94 -11.78 -4.18 20.12
CA GLU A 94 -12.79 -5.16 20.55
C GLU A 94 -14.16 -4.53 20.80
N PHE A 95 -14.15 -3.37 21.47
CA PHE A 95 -15.36 -2.58 21.71
C PHE A 95 -16.03 -2.16 20.39
N ALA A 96 -15.26 -1.66 19.44
CA ALA A 96 -15.82 -1.25 18.15
C ALA A 96 -16.40 -2.44 17.39
N ALA A 97 -15.74 -3.60 17.54
CA ALA A 97 -16.18 -4.80 16.83
C ALA A 97 -17.59 -5.20 17.28
N ASP A 98 -17.88 -5.06 18.57
CA ASP A 98 -19.18 -5.47 19.09
C ASP A 98 -20.24 -4.48 18.71
N VAL A 99 -19.93 -3.20 18.77
CA VAL A 99 -20.90 -2.18 18.38
C VAL A 99 -21.22 -2.36 16.90
N ARG A 100 -20.20 -2.52 16.05
CA ARG A 100 -20.48 -2.70 14.63
C ARG A 100 -21.26 -3.98 14.34
N LEU A 101 -20.93 -5.04 15.08
CA LEU A 101 -21.69 -6.28 15.05
C LEU A 101 -23.18 -6.03 15.26
N MET A 102 -23.51 -5.21 16.25
CA MET A 102 -24.91 -4.85 16.51
C MET A 102 -25.59 -4.24 15.27
N PHE A 103 -24.88 -3.32 14.61
CA PHE A 103 -25.45 -2.64 13.44
C PHE A 103 -25.47 -3.56 12.24
N SER A 104 -24.39 -4.30 12.03
CA SER A 104 -24.37 -5.24 10.90
C SER A 104 -25.50 -6.23 11.00
N ASN A 105 -25.76 -6.72 12.23
CA ASN A 105 -26.86 -7.64 12.48
C ASN A 105 -28.16 -7.01 12.00
N CYS A 106 -28.42 -5.77 12.42
CA CYS A 106 -29.61 -5.06 11.99
C CYS A 106 -29.71 -5.01 10.46
N TYR A 107 -28.62 -4.63 9.81
CA TYR A 107 -28.58 -4.51 8.34
C TYR A 107 -28.72 -5.86 7.66
N LYS A 108 -28.14 -6.89 8.25
CA LYS A 108 -28.14 -8.24 7.66
C LYS A 108 -29.55 -8.79 7.63
N TYR A 109 -30.24 -8.74 8.76
CA TYR A 109 -31.59 -9.33 8.90
C TYR A 109 -32.69 -8.60 8.16
N ASN A 110 -32.59 -7.27 8.10
CA ASN A 110 -33.68 -6.41 7.71
C ASN A 110 -33.61 -5.96 6.27
N PRO A 111 -34.78 -5.76 5.63
CA PRO A 111 -34.78 -5.02 4.38
C PRO A 111 -34.45 -3.54 4.62
N PRO A 112 -33.93 -2.82 3.59
CA PRO A 112 -33.46 -1.44 3.78
C PRO A 112 -34.55 -0.40 4.07
N ASP A 113 -35.73 -0.57 3.49
CA ASP A 113 -36.84 0.31 3.77
C ASP A 113 -37.33 0.34 5.21
N HIS A 114 -37.04 -0.66 6.05
CA HIS A 114 -37.55 -0.78 7.46
CA HIS A 114 -37.67 -0.68 7.37
C HIS A 114 -37.02 0.36 8.31
N ASP A 115 -37.87 0.91 9.17
CA ASP A 115 -37.51 2.03 10.06
C ASP A 115 -36.29 1.73 10.91
N VAL A 116 -36.15 0.49 11.37
CA VAL A 116 -35.09 0.14 12.30
C VAL A 116 -33.70 0.29 11.66
N VAL A 117 -33.64 0.14 10.34
CA VAL A 117 -32.40 0.35 9.58
C VAL A 117 -32.06 1.84 9.52
N ALA A 118 -33.06 2.67 9.24
CA ALA A 118 -32.88 4.12 9.32
C ALA A 118 -32.36 4.56 10.71
N MET A 119 -32.90 3.94 11.76
CA MET A 119 -32.51 4.24 13.14
C MET A 119 -31.11 3.73 13.47
N ALA A 120 -30.76 2.54 12.96
CA ALA A 120 -29.41 1.99 13.11
C ALA A 120 -28.37 2.93 12.52
N ARG A 121 -28.67 3.44 11.35
CA ARG A 121 -27.77 4.32 10.64
C ARG A 121 -27.60 5.59 11.40
N LYS A 122 -28.69 6.13 11.92
CA LYS A 122 -28.59 7.36 12.72
C LYS A 122 -27.76 7.12 13.95
N LEU A 123 -27.92 5.97 14.61
CA LEU A 123 -27.09 5.68 15.79
C LEU A 123 -25.65 5.39 15.43
N GLN A 124 -25.42 4.67 14.33
CA GLN A 124 -24.04 4.40 13.89
C GLN A 124 -23.27 5.66 13.53
N ASP A 125 -23.95 6.68 12.99
CA ASP A 125 -23.29 7.95 12.68
C ASP A 125 -22.76 8.59 13.96
N VAL A 126 -23.56 8.55 15.01
CA VAL A 126 -23.11 9.01 16.31
C VAL A 126 -21.89 8.21 16.78
N PHE A 127 -21.97 6.90 16.68
CA PHE A 127 -20.87 6.05 17.10
C PHE A 127 -19.57 6.28 16.33
N GLU A 128 -19.63 6.22 15.00
CA GLU A 128 -18.43 6.28 14.13
C GLU A 128 -17.72 7.63 14.25
N PHE A 129 -18.50 8.69 14.40
CA PHE A 129 -17.94 10.00 14.61
C PHE A 129 -17.20 10.09 15.93
N ARG A 130 -17.89 9.77 17.02
CA ARG A 130 -17.26 9.79 18.35
C ARG A 130 -16.06 8.79 18.48
N TYR A 131 -16.18 7.61 17.88
CA TYR A 131 -15.06 6.68 17.84
C TYR A 131 -13.86 7.25 17.12
N ALA A 132 -14.08 7.93 16.00
CA ALA A 132 -12.97 8.43 15.20
C ALA A 132 -12.22 9.59 15.83
N LYS A 133 -12.82 10.29 16.80
CA LYS A 133 -12.15 11.34 17.59
C LYS A 133 -11.40 10.81 18.81
N MET A 134 -11.19 9.50 18.92
CA MET A 134 -10.50 8.91 20.07
C MET A 134 -9.08 9.46 20.24
N PRO A 135 -8.76 10.06 21.42
CA PRO A 135 -7.36 10.44 21.72
C PRO A 135 -6.45 9.24 21.95
N LYS B 26 -13.45 -20.90 -1.08
CA LYS B 26 -13.76 -20.83 0.39
C LYS B 26 -13.91 -19.36 0.88
N LEU B 27 -12.81 -18.60 0.85
CA LEU B 27 -12.78 -17.15 1.12
C LEU B 27 -12.39 -16.31 -0.13
N SER B 28 -12.10 -17.00 -1.24
CA SER B 28 -12.04 -16.36 -2.55
C SER B 28 -13.46 -15.94 -3.02
N GLU B 29 -14.50 -16.64 -2.55
CA GLU B 29 -15.90 -16.25 -2.79
C GLU B 29 -16.27 -14.97 -2.03
N GLN B 30 -15.72 -14.83 -0.81
CA GLN B 30 -15.86 -13.61 -0.01
C GLN B 30 -15.25 -12.41 -0.72
N LEU B 31 -14.01 -12.55 -1.14
CA LEU B 31 -13.31 -11.48 -1.84
C LEU B 31 -13.97 -11.14 -3.19
N LYS B 32 -14.56 -12.13 -3.86
CA LYS B 32 -15.37 -11.90 -5.06
C LYS B 32 -16.61 -11.04 -4.75
N HIS B 33 -17.30 -11.31 -3.64
CA HIS B 33 -18.40 -10.44 -3.19
C HIS B 33 -17.90 -9.04 -2.77
N CYS B 34 -16.77 -8.98 -2.04
CA CYS B 34 -16.10 -7.70 -1.70
C CYS B 34 -15.74 -6.90 -2.92
N ASN B 35 -15.40 -7.58 -4.00
CA ASN B 35 -15.11 -6.91 -5.26
C ASN B 35 -16.39 -6.31 -5.82
N GLY B 36 -17.50 -7.03 -5.70
CA GLY B 36 -18.81 -6.52 -6.12
C GLY B 36 -19.27 -5.28 -5.34
N ILE B 37 -18.96 -5.25 -4.03
CA ILE B 37 -19.27 -4.10 -3.17
C ILE B 37 -18.50 -2.89 -3.66
N LEU B 38 -17.22 -3.11 -3.90
CA LEU B 38 -16.33 -2.06 -4.33
C LEU B 38 -16.77 -1.44 -5.67
N LYS B 39 -17.31 -2.27 -6.56
CA LYS B 39 -17.83 -1.76 -7.82
C LYS B 39 -19.04 -0.85 -7.60
N GLU B 40 -19.98 -1.32 -6.77
CA GLU B 40 -21.13 -0.54 -6.36
C GLU B 40 -20.69 0.79 -5.78
N LEU B 41 -19.84 0.76 -4.75
CA LEU B 41 -19.30 2.01 -4.17
C LEU B 41 -18.70 3.00 -5.20
N LEU B 42 -18.05 2.48 -6.25
CA LEU B 42 -17.46 3.28 -7.35
C LEU B 42 -18.43 3.64 -8.47
N SER B 43 -19.63 3.08 -8.42
CA SER B 43 -20.59 3.25 -9.51
C SER B 43 -21.18 4.66 -9.57
N LYS B 44 -21.69 4.96 -10.77
CA LYS B 44 -22.19 6.29 -11.04
C LYS B 44 -23.38 6.61 -10.13
N LYS B 45 -24.22 5.64 -9.77
CA LYS B 45 -25.41 5.97 -8.94
C LYS B 45 -25.09 6.65 -7.62
N HIS B 46 -23.97 6.32 -6.99
CA HIS B 46 -23.62 6.92 -5.69
C HIS B 46 -22.58 8.02 -5.86
N ALA B 47 -22.39 8.50 -7.08
CA ALA B 47 -21.30 9.43 -7.34
C ALA B 47 -21.43 10.76 -6.62
N ALA B 48 -22.66 11.21 -6.34
CA ALA B 48 -22.86 12.51 -5.69
C ALA B 48 -22.31 12.58 -4.27
N TYR B 49 -22.19 11.43 -3.60
CA TYR B 49 -21.56 11.35 -2.27
C TYR B 49 -20.22 10.57 -2.24
N ALA B 50 -20.01 9.65 -3.19
CA ALA B 50 -18.75 8.88 -3.29
C ALA B 50 -17.54 9.63 -3.85
N TRP B 51 -17.73 10.68 -4.65
CA TRP B 51 -16.60 11.28 -5.37
C TRP B 51 -15.38 11.75 -4.50
N PRO B 52 -15.61 12.20 -3.25
CA PRO B 52 -14.46 12.61 -2.45
C PRO B 52 -13.57 11.47 -1.94
N PHE B 53 -13.97 10.23 -2.22
CA PHE B 53 -13.27 9.04 -1.77
C PHE B 53 -12.76 8.25 -2.94
N TYR B 54 -12.78 8.82 -4.14
CA TYR B 54 -12.26 8.13 -5.32
C TYR B 54 -10.75 8.19 -5.34
N LYS B 55 -10.16 9.32 -4.91
CA LYS B 55 -8.71 9.48 -4.91
C LYS B 55 -8.31 9.86 -3.54
N PRO B 56 -6.98 9.77 -3.25
CA PRO B 56 -6.49 10.29 -1.99
C PRO B 56 -6.79 11.76 -1.88
N VAL B 57 -7.06 12.20 -0.69
CA VAL B 57 -7.34 13.61 -0.43
C VAL B 57 -6.14 14.41 -0.94
N ASP B 58 -6.39 15.40 -1.80
CA ASP B 58 -5.34 16.30 -2.30
C ASP B 58 -5.16 17.44 -1.31
N ALA B 59 -4.52 17.12 -0.20
CA ALA B 59 -4.21 18.06 0.88
C ALA B 59 -3.63 19.35 0.37
N SER B 60 -2.68 19.20 -0.55
CA SER B 60 -1.94 20.33 -1.11
C SER B 60 -2.84 21.35 -1.82
N ALA B 61 -3.69 20.84 -2.71
CA ALA B 61 -4.61 21.70 -3.45
C ALA B 61 -5.59 22.43 -2.54
N LEU B 62 -6.11 21.68 -1.55
CA LEU B 62 -7.10 22.21 -0.61
C LEU B 62 -6.51 23.19 0.41
N GLY B 63 -5.18 23.21 0.53
CA GLY B 63 -4.50 24.10 1.43
C GLY B 63 -4.51 23.58 2.85
N LEU B 64 -4.37 22.26 3.02
CA LEU B 64 -4.43 21.63 4.32
C LEU B 64 -3.01 21.25 4.78
N HIS B 65 -2.42 22.11 5.59
CA HIS B 65 -1.05 21.92 6.05
C HIS B 65 -0.95 20.74 7.03
N ASP B 66 -2.01 20.45 7.79
CA ASP B 66 -1.95 19.41 8.83
C ASP B 66 -2.64 18.05 8.54
N TYR B 67 -3.05 17.80 7.29
CA TYR B 67 -3.77 16.55 6.97
C TYR B 67 -2.94 15.29 7.25
N HIS B 68 -1.69 15.27 6.80
CA HIS B 68 -0.83 14.12 7.07
C HIS B 68 -0.28 14.06 8.50
N ASP B 69 -0.36 15.16 9.27
CA ASP B 69 -0.09 15.14 10.73
C ASP B 69 -1.19 14.44 11.50
N ILE B 70 -2.45 14.69 11.14
CA ILE B 70 -3.60 14.06 11.78
C ILE B 70 -3.99 12.67 11.24
N ILE B 71 -3.82 12.45 9.95
CA ILE B 71 -4.18 11.18 9.37
C ILE B 71 -2.91 10.44 9.05
N LYS B 72 -2.52 9.54 9.96
CA LYS B 72 -1.29 8.73 9.81
C LYS B 72 -1.40 7.72 8.67
N HIS B 73 -2.59 7.14 8.49
CA HIS B 73 -2.81 6.11 7.48
C HIS B 73 -4.04 6.52 6.66
N PRO B 74 -3.80 7.28 5.57
CA PRO B 74 -4.87 7.64 4.63
C PRO B 74 -5.36 6.45 3.84
N MET B 75 -6.54 6.59 3.29
CA MET B 75 -7.14 5.49 2.56
C MET B 75 -8.20 6.09 1.69
N ASP B 76 -8.43 5.46 0.57
CA ASP B 76 -9.41 5.92 -0.41
C ASP B 76 -9.74 4.75 -1.28
N LEU B 77 -10.77 4.86 -2.10
CA LEU B 77 -11.19 3.70 -2.89
C LEU B 77 -10.21 3.27 -4.00
N SER B 78 -9.46 4.20 -4.60
CA SER B 78 -8.49 3.79 -5.62
C SER B 78 -7.47 2.87 -4.97
N THR B 79 -7.05 3.22 -3.75
CA THR B 79 -6.13 2.41 -3.00
C THR B 79 -6.74 1.05 -2.71
N VAL B 80 -7.97 1.04 -2.23
CA VAL B 80 -8.66 -0.21 -1.94
C VAL B 80 -8.69 -1.06 -3.21
N LYS B 81 -9.03 -0.48 -4.35
CA LYS B 81 -9.04 -1.21 -5.63
C LYS B 81 -7.68 -1.82 -6.01
N ARG B 82 -6.60 -1.08 -5.79
CA ARG B 82 -5.25 -1.59 -6.10
C ARG B 82 -4.91 -2.78 -5.25
N LYS B 83 -5.28 -2.73 -3.98
CA LYS B 83 -5.00 -3.81 -3.05
C LYS B 83 -5.87 -5.01 -3.43
N MET B 84 -7.08 -4.75 -3.90
CA MET B 84 -7.94 -5.81 -4.37
C MET B 84 -7.28 -6.53 -5.53
N GLU B 85 -6.94 -5.78 -6.57
CA GLU B 85 -6.30 -6.32 -7.76
C GLU B 85 -4.96 -7.00 -7.44
N ASN B 86 -4.22 -6.44 -6.48
CA ASN B 86 -2.95 -7.03 -6.03
C ASN B 86 -3.11 -8.23 -5.10
N ARG B 87 -4.34 -8.65 -4.84
CA ARG B 87 -4.60 -9.72 -3.88
C ARG B 87 -3.98 -9.50 -2.49
N ASP B 88 -3.85 -8.25 -2.06
CA ASP B 88 -3.27 -7.94 -0.75
C ASP B 88 -4.21 -8.30 0.40
N TYR B 89 -5.49 -8.53 0.16
CA TYR B 89 -6.43 -8.80 1.25
C TYR B 89 -6.61 -10.30 1.42
N ARG B 90 -6.27 -10.84 2.60
CA ARG B 90 -6.58 -12.25 2.93
C ARG B 90 -8.07 -12.59 2.88
N ASP B 91 -8.89 -11.76 3.52
CA ASP B 91 -10.33 -12.00 3.71
C ASP B 91 -11.15 -10.68 3.76
N ALA B 92 -12.47 -10.82 3.82
CA ALA B 92 -13.37 -9.67 3.85
C ALA B 92 -13.19 -8.73 5.08
N GLN B 93 -12.76 -9.25 6.23
CA GLN B 93 -12.53 -8.41 7.41
C GLN B 93 -11.51 -7.35 7.10
N GLU B 94 -10.43 -7.79 6.47
CA GLU B 94 -9.35 -6.89 6.05
C GLU B 94 -9.83 -5.81 5.04
N PHE B 95 -10.60 -6.20 4.03
CA PHE B 95 -11.29 -5.28 3.09
C PHE B 95 -12.03 -4.23 3.89
N ALA B 96 -12.97 -4.72 4.70
CA ALA B 96 -13.84 -3.89 5.53
C ALA B 96 -13.05 -2.96 6.48
N ALA B 97 -11.87 -3.38 6.94
CA ALA B 97 -11.07 -2.56 7.83
C ALA B 97 -10.53 -1.33 7.11
N ASP B 98 -10.06 -1.51 5.88
CA ASP B 98 -9.62 -0.39 5.05
C ASP B 98 -10.79 0.55 4.73
N VAL B 99 -11.91 0.00 4.27
CA VAL B 99 -13.06 0.84 3.93
C VAL B 99 -13.48 1.67 5.13
N ARG B 100 -13.54 1.06 6.30
CA ARG B 100 -13.86 1.82 7.53
C ARG B 100 -12.78 2.82 7.91
N LEU B 101 -11.51 2.46 7.67
CA LEU B 101 -10.42 3.40 7.89
C LEU B 101 -10.63 4.72 7.11
N MET B 102 -10.89 4.56 5.80
CA MET B 102 -11.31 5.68 4.92
C MET B 102 -12.38 6.59 5.54
N PHE B 103 -13.46 6.01 6.06
CA PHE B 103 -14.53 6.80 6.67
C PHE B 103 -14.09 7.45 7.99
N SER B 104 -13.40 6.69 8.83
CA SER B 104 -12.96 7.19 10.13
C SER B 104 -11.99 8.34 10.01
N ASN B 105 -11.04 8.21 9.07
CA ASN B 105 -10.14 9.31 8.71
C ASN B 105 -10.95 10.59 8.46
N CYS B 106 -12.01 10.46 7.67
CA CYS B 106 -12.84 11.59 7.30
C CYS B 106 -13.50 12.21 8.56
N TYR B 107 -14.13 11.35 9.36
CA TYR B 107 -14.77 11.79 10.60
C TYR B 107 -13.75 12.37 11.56
N LYS B 108 -12.54 11.81 11.59
CA LYS B 108 -11.48 12.24 12.52
C LYS B 108 -11.01 13.63 12.19
N TYR B 109 -10.75 13.88 10.91
CA TYR B 109 -10.19 15.15 10.47
C TYR B 109 -11.16 16.32 10.52
N ASN B 110 -12.42 16.09 10.19
CA ASN B 110 -13.41 17.14 9.93
C ASN B 110 -14.38 17.43 11.08
N PRO B 111 -14.95 18.66 11.12
CA PRO B 111 -16.04 18.90 12.05
C PRO B 111 -17.33 18.26 11.54
N PRO B 112 -18.32 18.02 12.43
CA PRO B 112 -19.48 17.24 11.99
C PRO B 112 -20.41 17.98 11.02
N ASP B 113 -20.32 19.30 10.95
CA ASP B 113 -21.18 20.08 10.05
C ASP B 113 -20.67 20.17 8.60
N HIS B 114 -19.51 19.57 8.27
CA HIS B 114 -18.86 19.72 6.96
C HIS B 114 -19.49 18.77 5.94
N ASP B 115 -19.67 19.25 4.71
CA ASP B 115 -20.37 18.49 3.68
C ASP B 115 -19.77 17.10 3.43
N VAL B 116 -18.45 16.97 3.54
CA VAL B 116 -17.76 15.69 3.26
C VAL B 116 -18.13 14.62 4.29
N VAL B 117 -18.48 15.05 5.51
CA VAL B 117 -18.91 14.14 6.58
C VAL B 117 -20.30 13.58 6.26
N ALA B 118 -21.21 14.46 5.87
CA ALA B 118 -22.53 14.06 5.38
C ALA B 118 -22.42 13.03 4.25
N MET B 119 -21.52 13.28 3.31
CA MET B 119 -21.30 12.42 2.18
C MET B 119 -20.70 11.07 2.58
N ALA B 120 -19.74 11.08 3.50
CA ALA B 120 -19.14 9.83 4.03
C ALA B 120 -20.21 8.96 4.69
N ARG B 121 -21.09 9.61 5.43
CA ARG B 121 -22.17 8.88 6.08
C ARG B 121 -23.05 8.20 5.07
N LYS B 122 -23.39 8.88 3.98
CA LYS B 122 -24.29 8.31 2.98
C LYS B 122 -23.65 7.09 2.31
N LEU B 123 -22.34 7.17 2.08
CA LEU B 123 -21.61 6.12 1.37
C LEU B 123 -21.32 4.94 2.31
N GLN B 124 -21.07 5.22 3.58
CA GLN B 124 -20.89 4.16 4.56
C GLN B 124 -22.20 3.41 4.73
N ASP B 125 -23.34 4.07 4.54
CA ASP B 125 -24.64 3.37 4.61
C ASP B 125 -24.75 2.27 3.56
N VAL B 126 -24.28 2.58 2.35
CA VAL B 126 -24.31 1.64 1.22
C VAL B 126 -23.36 0.50 1.52
N PHE B 127 -22.16 0.85 1.96
CA PHE B 127 -21.16 -0.14 2.31
C PHE B 127 -21.61 -1.05 3.45
N GLU B 128 -22.11 -0.46 4.53
CA GLU B 128 -22.42 -1.27 5.70
C GLU B 128 -23.54 -2.20 5.36
N PHE B 129 -24.48 -1.71 4.57
CA PHE B 129 -25.57 -2.55 4.11
C PHE B 129 -25.13 -3.71 3.24
N ARG B 130 -24.34 -3.42 2.22
CA ARG B 130 -23.99 -4.47 1.26
C ARG B 130 -23.06 -5.50 1.92
N TYR B 131 -22.15 -5.02 2.77
CA TYR B 131 -21.27 -5.88 3.51
C TYR B 131 -21.96 -6.74 4.56
N ALA B 132 -23.06 -6.24 5.13
CA ALA B 132 -23.87 -7.08 6.02
C ALA B 132 -24.58 -8.24 5.32
N LYS B 133 -24.95 -8.05 4.05
CA LYS B 133 -25.70 -9.05 3.28
C LYS B 133 -24.83 -10.15 2.64
N MET B 134 -23.51 -10.09 2.73
CA MET B 134 -22.73 -11.14 2.07
C MET B 134 -22.80 -12.40 2.91
N PRO B 135 -22.66 -13.59 2.27
CA PRO B 135 -22.41 -14.88 2.98
C PRO B 135 -21.09 -14.90 3.76
N LYS C 26 20.27 13.42 8.48
CA LYS C 26 18.79 13.43 8.70
C LYS C 26 18.16 12.42 7.71
N LEU C 27 17.25 11.58 8.19
CA LEU C 27 16.45 10.68 7.33
C LEU C 27 15.42 11.48 6.49
N SER C 28 14.89 12.57 7.06
CA SER C 28 14.01 13.48 6.33
C SER C 28 14.73 14.25 5.20
N GLU C 29 16.04 14.48 5.36
CA GLU C 29 16.86 15.17 4.35
C GLU C 29 17.15 14.25 3.15
N GLN C 30 17.37 12.97 3.42
CA GLN C 30 17.55 12.01 2.34
C GLN C 30 16.20 11.60 1.72
N LEU C 31 15.14 11.59 2.53
CA LEU C 31 13.78 11.49 1.99
C LEU C 31 13.36 12.71 1.15
N LYS C 32 13.80 13.92 1.53
CA LYS C 32 13.60 15.10 0.65
C LYS C 32 14.28 14.88 -0.69
N HIS C 33 15.51 14.37 -0.68
CA HIS C 33 16.20 14.04 -1.91
C HIS C 33 15.47 12.95 -2.72
N CYS C 34 15.03 11.89 -2.04
CA CYS C 34 14.17 10.87 -2.66
C CYS C 34 12.95 11.49 -3.35
N ASN C 35 12.38 12.51 -2.72
CA ASN C 35 11.25 13.20 -3.30
C ASN C 35 11.66 13.89 -4.59
N GLY C 36 12.79 14.61 -4.53
CA GLY C 36 13.37 15.25 -5.71
C GLY C 36 13.59 14.31 -6.88
N ILE C 37 14.03 13.09 -6.58
CA ILE C 37 14.21 12.03 -7.58
C ILE C 37 12.89 11.63 -8.18
N LEU C 38 11.90 11.39 -7.35
CA LEU C 38 10.59 11.03 -7.85
C LEU C 38 10.03 12.12 -8.78
N LYS C 39 10.17 13.39 -8.37
CA LYS C 39 9.77 14.55 -9.18
C LYS C 39 10.49 14.50 -10.53
N GLU C 40 11.77 14.15 -10.49
CA GLU C 40 12.57 13.96 -11.69
C GLU C 40 11.99 12.84 -12.55
N LEU C 41 11.71 11.70 -11.93
CA LEU C 41 11.17 10.56 -12.66
C LEU C 41 9.85 10.89 -13.35
N LEU C 42 9.02 11.68 -12.68
CA LEU C 42 7.70 12.06 -13.20
C LEU C 42 7.73 13.22 -14.22
N SER C 43 8.86 13.89 -14.37
CA SER C 43 8.96 15.07 -15.22
C SER C 43 8.80 14.73 -16.68
N LYS C 44 8.49 15.75 -17.47
CA LYS C 44 8.17 15.58 -18.88
C LYS C 44 9.35 15.08 -19.74
N LYS C 45 10.60 15.43 -19.40
CA LYS C 45 11.82 14.97 -20.15
C LYS C 45 11.81 13.46 -20.38
N HIS C 46 11.25 12.71 -19.42
CA HIS C 46 11.28 11.25 -19.41
C HIS C 46 9.93 10.60 -19.77
N ALA C 47 8.94 11.42 -20.09
CA ALA C 47 7.59 10.91 -20.38
C ALA C 47 7.55 9.88 -21.50
N ALA C 48 8.36 10.06 -22.54
CA ALA C 48 8.46 9.09 -23.65
C ALA C 48 8.69 7.66 -23.17
N TYR C 49 9.49 7.49 -22.10
CA TYR C 49 9.75 6.16 -21.48
C TYR C 49 9.08 5.90 -20.11
N ALA C 50 8.70 6.92 -19.38
CA ALA C 50 8.22 6.70 -18.01
C ALA C 50 6.73 6.37 -17.96
N TRP C 51 6.01 6.67 -19.03
CA TRP C 51 4.54 6.60 -18.96
C TRP C 51 3.98 5.22 -18.59
N PRO C 52 4.62 4.10 -19.02
CA PRO C 52 4.04 2.82 -18.58
C PRO C 52 4.17 2.51 -17.07
N PHE C 53 4.80 3.42 -16.32
CA PHE C 53 5.06 3.23 -14.92
C PHE C 53 4.39 4.25 -14.04
N TYR C 54 3.57 5.13 -14.63
CA TYR C 54 2.89 6.17 -13.86
C TYR C 54 1.81 5.55 -13.01
N LYS C 55 1.00 4.70 -13.61
CA LYS C 55 -0.07 3.97 -12.90
C LYS C 55 0.31 2.52 -12.76
N PRO C 56 -0.47 1.74 -11.96
CA PRO C 56 -0.23 0.31 -11.94
C PRO C 56 -0.56 -0.31 -13.28
N VAL C 57 0.00 -1.47 -13.54
CA VAL C 57 -0.23 -2.19 -14.79
C VAL C 57 -1.66 -2.68 -14.71
N ASP C 58 -2.54 -2.26 -15.64
CA ASP C 58 -3.94 -2.72 -15.62
C ASP C 58 -4.06 -4.10 -16.25
N ALA C 59 -3.70 -5.10 -15.46
CA ALA C 59 -3.65 -6.50 -15.93
C ALA C 59 -5.03 -6.91 -16.38
N SER C 60 -6.01 -6.56 -15.58
CA SER C 60 -7.39 -6.95 -15.84
C SER C 60 -7.84 -6.42 -17.20
N ALA C 61 -7.56 -5.14 -17.45
CA ALA C 61 -7.95 -4.50 -18.70
C ALA C 61 -7.24 -5.03 -19.94
N LEU C 62 -5.95 -5.37 -19.81
CA LEU C 62 -5.13 -5.90 -20.93
C LEU C 62 -5.24 -7.43 -21.19
N GLY C 63 -5.92 -8.14 -20.29
CA GLY C 63 -6.12 -9.59 -20.42
C GLY C 63 -4.90 -10.38 -20.03
N LEU C 64 -4.13 -9.86 -19.08
CA LEU C 64 -2.98 -10.55 -18.56
C LEU C 64 -3.43 -11.39 -17.35
N HIS C 65 -4.03 -12.55 -17.66
CA HIS C 65 -4.60 -13.42 -16.61
C HIS C 65 -3.49 -13.97 -15.70
N ASP C 66 -2.29 -14.11 -16.23
CA ASP C 66 -1.17 -14.62 -15.43
C ASP C 66 -0.40 -13.56 -14.59
N TYR C 67 -0.66 -12.25 -14.84
CA TYR C 67 0.19 -11.17 -14.29
C TYR C 67 0.31 -11.22 -12.79
N HIS C 68 -0.81 -11.22 -12.11
CA HIS C 68 -0.78 -11.25 -10.65
C HIS C 68 -0.31 -12.60 -10.07
N ASP C 69 -0.34 -13.70 -10.84
CA ASP C 69 0.32 -14.97 -10.43
C ASP C 69 1.84 -14.84 -10.42
N ILE C 70 2.39 -14.25 -11.47
CA ILE C 70 3.83 -14.07 -11.61
C ILE C 70 4.37 -12.94 -10.71
N ILE C 71 3.67 -11.80 -10.72
CA ILE C 71 4.06 -10.60 -9.93
C ILE C 71 3.28 -10.50 -8.61
N LYS C 72 3.91 -10.97 -7.52
CA LYS C 72 3.23 -11.03 -6.23
C LYS C 72 3.06 -9.64 -5.63
N HIS C 73 4.08 -8.78 -5.76
CA HIS C 73 4.01 -7.40 -5.25
C HIS C 73 4.23 -6.35 -6.35
N PRO C 74 3.14 -5.83 -6.94
CA PRO C 74 3.25 -4.80 -8.01
C PRO C 74 3.74 -3.46 -7.50
N MET C 75 4.38 -2.66 -8.35
CA MET C 75 4.75 -1.28 -7.99
C MET C 75 4.75 -0.40 -9.21
N ASP C 76 4.50 0.88 -8.96
CA ASP C 76 4.50 1.90 -9.99
C ASP C 76 4.70 3.24 -9.32
N LEU C 77 4.93 4.26 -10.12
CA LEU C 77 5.35 5.53 -9.55
C LEU C 77 4.26 6.20 -8.73
N SER C 78 2.99 6.05 -9.11
CA SER C 78 1.93 6.71 -8.34
C SER C 78 1.80 6.06 -6.97
N THR C 79 1.96 4.73 -6.90
CA THR C 79 2.05 4.06 -5.62
C THR C 79 3.24 4.53 -4.77
N VAL C 80 4.39 4.79 -5.39
CA VAL C 80 5.51 5.39 -4.66
C VAL C 80 5.15 6.79 -4.15
N LYS C 81 4.69 7.65 -5.07
CA LYS C 81 4.25 9.01 -4.72
C LYS C 81 3.26 8.97 -3.56
N ARG C 82 2.27 8.07 -3.62
CA ARG C 82 1.22 7.97 -2.58
C ARG C 82 1.92 7.59 -1.24
N LYS C 83 2.86 6.64 -1.23
CA LYS C 83 3.67 6.28 -0.02
C LYS C 83 4.58 7.40 0.54
N MET C 84 5.15 8.20 -0.36
CA MET C 84 5.95 9.40 -0.02
C MET C 84 5.10 10.43 0.73
N GLU C 85 3.96 10.77 0.13
CA GLU C 85 2.97 11.71 0.66
C GLU C 85 2.45 11.31 2.02
N ASN C 86 2.25 10.01 2.21
CA ASN C 86 1.71 9.46 3.46
C ASN C 86 2.78 9.20 4.51
N ARG C 87 4.04 9.50 4.19
CA ARG C 87 5.18 9.28 5.09
C ARG C 87 5.40 7.81 5.45
N ASP C 88 5.09 6.90 4.50
CA ASP C 88 5.27 5.46 4.67
C ASP C 88 6.74 5.07 4.59
N TYR C 89 7.59 5.84 3.91
CA TYR C 89 9.01 5.50 3.80
C TYR C 89 9.80 6.01 5.00
N ARG C 90 10.53 5.09 5.64
CA ARG C 90 11.28 5.36 6.87
C ARG C 90 12.67 5.91 6.50
N ASP C 91 13.29 5.37 5.45
CA ASP C 91 14.60 5.84 4.92
C ASP C 91 14.62 5.82 3.37
N ALA C 92 15.77 6.19 2.79
CA ALA C 92 15.96 6.15 1.35
C ALA C 92 16.13 4.73 0.81
N GLN C 93 16.66 3.81 1.60
CA GLN C 93 16.87 2.44 1.12
C GLN C 93 15.50 1.79 0.82
N GLU C 94 14.47 2.12 1.61
CA GLU C 94 13.10 1.64 1.39
C GLU C 94 12.46 2.20 0.11
N PHE C 95 12.70 3.48 -0.12
CA PHE C 95 12.27 4.17 -1.35
C PHE C 95 12.85 3.47 -2.58
N ALA C 96 14.17 3.29 -2.53
CA ALA C 96 14.90 2.63 -3.59
C ALA C 96 14.42 1.18 -3.81
N ALA C 97 14.10 0.46 -2.73
CA ALA C 97 13.65 -0.94 -2.85
C ALA C 97 12.40 -1.05 -3.74
N ASP C 98 11.46 -0.12 -3.56
CA ASP C 98 10.23 -0.08 -4.36
C ASP C 98 10.46 0.28 -5.81
N VAL C 99 11.24 1.33 -6.04
CA VAL C 99 11.56 1.71 -7.41
C VAL C 99 12.19 0.52 -8.18
N ARG C 100 13.09 -0.20 -7.52
CA ARG C 100 13.74 -1.38 -8.12
C ARG C 100 12.79 -2.54 -8.24
N LEU C 101 11.89 -2.68 -7.28
CA LEU C 101 10.80 -3.64 -7.42
C LEU C 101 9.96 -3.35 -8.68
N MET C 102 9.57 -2.08 -8.88
CA MET C 102 8.81 -1.66 -10.07
C MET C 102 9.48 -2.10 -11.37
N PHE C 103 10.80 -1.88 -11.46
CA PHE C 103 11.58 -2.29 -12.64
C PHE C 103 11.80 -3.80 -12.73
N SER C 104 12.20 -4.45 -11.63
CA SER C 104 12.30 -5.93 -11.60
C SER C 104 11.04 -6.64 -12.10
N ASN C 105 9.89 -6.15 -11.65
CA ASN C 105 8.59 -6.71 -12.04
C ASN C 105 8.47 -6.65 -13.56
N CYS C 106 8.87 -5.51 -14.13
CA CYS C 106 8.85 -5.32 -15.58
C CYS C 106 9.75 -6.33 -16.31
N TYR C 107 10.97 -6.50 -15.78
CA TYR C 107 11.94 -7.43 -16.34
C TYR C 107 11.49 -8.88 -16.17
N LYS C 108 10.88 -9.20 -15.02
CA LYS C 108 10.45 -10.57 -14.72
C LYS C 108 9.29 -11.06 -15.60
N TYR C 109 8.23 -10.26 -15.70
CA TYR C 109 7.07 -10.62 -16.51
C TYR C 109 7.32 -10.62 -18.02
N ASN C 110 8.18 -9.74 -18.52
CA ASN C 110 8.31 -9.53 -19.97
C ASN C 110 9.49 -10.24 -20.62
N PRO C 111 9.35 -10.54 -21.93
CA PRO C 111 10.50 -10.91 -22.74
C PRO C 111 11.46 -9.73 -22.91
N PRO C 112 12.75 -9.99 -23.15
CA PRO C 112 13.76 -8.92 -23.22
C PRO C 112 13.65 -7.98 -24.44
N ASP C 113 12.94 -8.41 -25.47
CA ASP C 113 12.71 -7.63 -26.68
C ASP C 113 11.41 -6.77 -26.72
N HIS C 114 10.45 -6.98 -25.80
CA HIS C 114 9.21 -6.14 -25.73
C HIS C 114 9.67 -4.72 -25.37
N ASP C 115 9.04 -3.70 -25.97
CA ASP C 115 9.46 -2.30 -25.78
C ASP C 115 9.46 -1.81 -24.34
N VAL C 116 8.51 -2.27 -23.53
CA VAL C 116 8.41 -1.84 -22.13
C VAL C 116 9.69 -2.14 -21.34
N VAL C 117 10.40 -3.20 -21.71
CA VAL C 117 11.69 -3.51 -21.11
C VAL C 117 12.71 -2.44 -21.48
N ALA C 118 12.80 -2.06 -22.75
CA ALA C 118 13.68 -0.95 -23.16
C ALA C 118 13.38 0.35 -22.37
N MET C 119 12.09 0.65 -22.22
CA MET C 119 11.66 1.86 -21.53
C MET C 119 11.98 1.81 -20.04
N ALA C 120 11.83 0.63 -19.44
CA ALA C 120 12.16 0.42 -18.01
C ALA C 120 13.62 0.71 -17.74
N ARG C 121 14.47 0.15 -18.59
CA ARG C 121 15.91 0.34 -18.55
C ARG C 121 16.26 1.80 -18.65
N LYS C 122 15.70 2.50 -19.63
CA LYS C 122 15.94 3.95 -19.79
C LYS C 122 15.56 4.74 -18.55
N LEU C 123 14.48 4.34 -17.87
CA LEU C 123 14.03 5.04 -16.68
C LEU C 123 14.83 4.64 -15.46
N GLN C 124 15.11 3.35 -15.32
CA GLN C 124 16.04 2.88 -14.28
C GLN C 124 17.41 3.57 -14.39
N ASP C 125 17.88 3.82 -15.61
CA ASP C 125 19.17 4.49 -15.79
C ASP C 125 19.14 5.91 -15.25
N VAL C 126 18.01 6.60 -15.38
CA VAL C 126 17.82 7.91 -14.74
C VAL C 126 17.80 7.76 -13.22
N PHE C 127 16.97 6.85 -12.73
CA PHE C 127 16.88 6.61 -11.29
C PHE C 127 18.23 6.30 -10.61
N GLU C 128 18.93 5.26 -11.09
CA GLU C 128 20.13 4.74 -10.42
C GLU C 128 21.19 5.82 -10.29
N PHE C 129 21.26 6.66 -11.31
CA PHE C 129 22.26 7.70 -11.38
C PHE C 129 21.97 8.78 -10.32
N ARG C 130 20.75 9.27 -10.30
CA ARG C 130 20.37 10.30 -9.33
C ARG C 130 20.37 9.71 -7.90
N TYR C 131 19.98 8.46 -7.72
CA TYR C 131 20.09 7.80 -6.42
C TYR C 131 21.54 7.71 -5.95
N ALA C 132 22.45 7.41 -6.87
CA ALA C 132 23.88 7.34 -6.55
C ALA C 132 24.49 8.67 -6.12
N LYS C 133 23.91 9.77 -6.60
CA LYS C 133 24.43 11.08 -6.31
C LYS C 133 23.96 11.66 -4.97
N MET C 134 23.18 10.94 -4.17
CA MET C 134 22.73 11.53 -2.91
C MET C 134 23.75 11.29 -1.79
N PRO C 135 23.93 12.27 -0.86
CA PRO C 135 24.79 12.15 0.32
C PRO C 135 24.67 10.84 1.10
N SER D 28 20.25 -21.12 -1.36
CA SER D 28 21.25 -22.09 -1.92
C SER D 28 20.83 -22.62 -3.29
N GLU D 29 19.54 -22.86 -3.48
CA GLU D 29 18.97 -23.01 -4.84
C GLU D 29 19.13 -21.70 -5.62
N GLN D 30 18.88 -20.58 -4.93
CA GLN D 30 19.00 -19.25 -5.51
C GLN D 30 20.42 -18.71 -5.55
N LEU D 31 21.28 -19.07 -4.58
CA LEU D 31 22.72 -18.75 -4.73
C LEU D 31 23.34 -19.43 -5.97
N LYS D 32 22.90 -20.66 -6.28
CA LYS D 32 23.35 -21.36 -7.49
C LYS D 32 22.96 -20.56 -8.75
N HIS D 33 21.73 -20.04 -8.79
CA HIS D 33 21.25 -19.19 -9.91
C HIS D 33 22.03 -17.86 -9.99
N CYS D 34 22.31 -17.25 -8.84
CA CYS D 34 23.23 -16.07 -8.73
C CYS D 34 24.63 -16.29 -9.30
N ASN D 35 25.19 -17.48 -9.05
CA ASN D 35 26.51 -17.83 -9.54
C ASN D 35 26.50 -17.86 -11.07
N GLY D 36 25.45 -18.46 -11.64
CA GLY D 36 25.22 -18.42 -13.09
C GLY D 36 25.21 -17.00 -13.64
N ILE D 37 24.58 -16.07 -12.90
CA ILE D 37 24.53 -14.65 -13.27
C ILE D 37 25.92 -14.03 -13.33
N LEU D 38 26.71 -14.26 -12.28
CA LEU D 38 28.07 -13.74 -12.20
C LEU D 38 28.88 -14.28 -13.33
N LYS D 39 28.72 -15.59 -13.56
CA LYS D 39 29.33 -16.28 -14.71
C LYS D 39 29.07 -15.53 -16.01
N GLU D 40 27.80 -15.14 -16.21
CA GLU D 40 27.34 -14.41 -17.39
C GLU D 40 27.93 -13.00 -17.46
N LEU D 41 27.95 -12.27 -16.35
CA LEU D 41 28.60 -10.95 -16.28
C LEU D 41 30.09 -10.97 -16.62
N LEU D 42 30.74 -12.10 -16.30
CA LEU D 42 32.16 -12.29 -16.53
C LEU D 42 32.49 -12.94 -17.89
N SER D 43 31.49 -13.33 -18.66
CA SER D 43 31.73 -14.06 -19.90
C SER D 43 32.23 -13.15 -21.02
N LYS D 44 32.79 -13.78 -22.04
CA LYS D 44 33.44 -13.06 -23.13
C LYS D 44 32.46 -12.20 -23.94
N LYS D 45 31.20 -12.62 -23.97
CA LYS D 45 30.09 -11.86 -24.59
C LYS D 45 30.15 -10.38 -24.24
N HIS D 46 30.24 -10.08 -22.96
CA HIS D 46 30.02 -8.72 -22.46
C HIS D 46 31.31 -7.93 -22.21
N ALA D 47 32.45 -8.46 -22.67
CA ALA D 47 33.77 -7.90 -22.39
C ALA D 47 33.88 -6.44 -22.76
N ALA D 48 33.27 -6.04 -23.87
CA ALA D 48 33.39 -4.65 -24.36
C ALA D 48 32.87 -3.58 -23.41
N TYR D 49 31.94 -3.95 -22.53
CA TYR D 49 31.46 -3.05 -21.46
C TYR D 49 31.75 -3.58 -20.04
N ALA D 50 32.09 -4.85 -19.87
CA ALA D 50 32.35 -5.39 -18.54
C ALA D 50 33.78 -5.12 -18.02
N TRP D 51 34.75 -4.91 -18.90
CA TRP D 51 36.18 -4.90 -18.48
C TRP D 51 36.54 -3.86 -17.38
N PRO D 52 35.85 -2.70 -17.35
CA PRO D 52 36.20 -1.79 -16.28
C PRO D 52 35.75 -2.24 -14.90
N PHE D 53 35.08 -3.39 -14.82
CA PHE D 53 34.54 -3.92 -13.59
C PHE D 53 35.16 -5.25 -13.18
N TYR D 54 36.13 -5.71 -13.95
CA TYR D 54 36.79 -6.98 -13.69
C TYR D 54 37.69 -6.92 -12.44
N LYS D 55 38.34 -5.80 -12.20
CA LYS D 55 39.20 -5.64 -11.03
C LYS D 55 39.06 -4.19 -10.48
N PRO D 56 39.72 -3.87 -9.36
CA PRO D 56 39.47 -2.56 -8.76
C PRO D 56 39.89 -1.40 -9.63
N VAL D 57 39.22 -0.29 -9.48
CA VAL D 57 39.58 0.89 -10.20
C VAL D 57 40.97 1.27 -9.74
N ASP D 58 41.90 1.35 -10.67
CA ASP D 58 43.23 1.82 -10.36
C ASP D 58 43.27 3.32 -10.33
N ALA D 59 42.96 3.87 -9.18
CA ALA D 59 42.84 5.33 -9.02
C ALA D 59 44.13 6.06 -9.28
N SER D 60 45.26 5.55 -8.73
CA SER D 60 46.59 6.16 -8.94
C SER D 60 46.87 6.32 -10.42
N ALA D 61 46.86 5.20 -11.14
CA ALA D 61 47.14 5.16 -12.54
C ALA D 61 46.32 6.13 -13.40
N LEU D 62 45.06 6.30 -13.04
CA LEU D 62 44.14 7.17 -13.82
C LEU D 62 44.24 8.67 -13.56
N GLY D 63 44.81 9.05 -12.42
CA GLY D 63 45.07 10.45 -12.12
C GLY D 63 44.01 11.05 -11.23
N LEU D 64 43.65 10.30 -10.18
CA LEU D 64 42.41 10.47 -9.42
C LEU D 64 42.69 10.65 -7.92
N HIS D 65 43.05 11.88 -7.56
CA HIS D 65 43.22 12.31 -6.14
C HIS D 65 42.09 11.93 -5.13
N ASP D 66 40.83 11.96 -5.58
CA ASP D 66 39.65 11.86 -4.71
C ASP D 66 38.76 10.61 -4.84
N TYR D 67 39.17 9.58 -5.57
CA TYR D 67 38.32 8.41 -5.74
C TYR D 67 38.02 7.70 -4.41
N HIS D 68 39.02 7.53 -3.57
CA HIS D 68 38.79 6.87 -2.29
C HIS D 68 38.08 7.75 -1.21
N ASP D 69 38.12 9.08 -1.34
CA ASP D 69 37.30 9.98 -0.50
C ASP D 69 35.80 9.77 -0.81
N ILE D 70 35.48 9.81 -2.11
CA ILE D 70 34.11 9.75 -2.58
C ILE D 70 33.56 8.33 -2.55
N ILE D 71 34.38 7.35 -2.91
CA ILE D 71 33.95 5.95 -2.86
C ILE D 71 34.55 5.22 -1.65
N LYS D 72 33.73 5.00 -0.63
CA LYS D 72 34.23 4.42 0.61
C LYS D 72 34.05 2.91 0.68
N HIS D 73 33.24 2.34 -0.21
CA HIS D 73 33.08 0.87 -0.26
C HIS D 73 33.26 0.33 -1.69
N PRO D 74 34.52 0.28 -2.17
CA PRO D 74 34.89 -0.25 -3.47
C PRO D 74 34.36 -1.62 -3.74
N MET D 75 33.99 -1.88 -4.98
CA MET D 75 33.45 -3.16 -5.37
C MET D 75 33.71 -3.46 -6.84
N ASP D 76 34.00 -4.71 -7.14
CA ASP D 76 34.16 -5.14 -8.50
C ASP D 76 33.82 -6.62 -8.65
N LEU D 77 33.78 -7.09 -9.89
CA LEU D 77 33.30 -8.43 -10.17
C LEU D 77 34.14 -9.51 -9.52
N SER D 78 35.44 -9.30 -9.48
CA SER D 78 36.35 -10.23 -8.84
C SER D 78 36.05 -10.32 -7.34
N THR D 79 35.83 -9.17 -6.70
CA THR D 79 35.49 -9.17 -5.30
C THR D 79 34.30 -10.07 -5.08
N VAL D 80 33.27 -9.80 -5.84
CA VAL D 80 32.01 -10.54 -5.79
C VAL D 80 32.27 -12.03 -5.99
N LYS D 81 33.08 -12.37 -7.00
CA LYS D 81 33.44 -13.78 -7.34
C LYS D 81 34.05 -14.51 -6.17
N ARG D 82 35.01 -13.89 -5.50
CA ARG D 82 35.61 -14.45 -4.29
C ARG D 82 34.59 -14.69 -3.17
N LYS D 83 33.76 -13.69 -2.91
CA LYS D 83 32.73 -13.83 -1.88
C LYS D 83 31.74 -14.98 -2.20
N MET D 84 31.46 -15.21 -3.48
CA MET D 84 30.65 -16.37 -3.92
C MET D 84 31.37 -17.72 -3.65
N GLU D 85 32.67 -17.77 -3.93
CA GLU D 85 33.50 -18.97 -3.71
C GLU D 85 33.73 -19.24 -2.22
N ASN D 86 34.12 -18.21 -1.49
CA ASN D 86 34.15 -18.23 -0.01
C ASN D 86 32.80 -18.44 0.68
N ARG D 87 31.72 -18.60 -0.09
CA ARG D 87 30.35 -18.70 0.41
C ARG D 87 29.93 -17.66 1.49
N ASP D 88 30.39 -16.41 1.32
CA ASP D 88 30.04 -15.27 2.20
C ASP D 88 28.67 -14.64 1.97
N TYR D 89 27.91 -15.10 0.97
CA TYR D 89 26.59 -14.52 0.68
C TYR D 89 25.50 -15.39 1.32
N ARG D 90 24.73 -14.80 2.23
CA ARG D 90 23.68 -15.51 2.97
C ARG D 90 22.53 -15.87 2.04
N ASP D 91 22.15 -14.94 1.18
CA ASP D 91 21.05 -15.13 0.22
C ASP D 91 21.32 -14.33 -1.07
N ALA D 92 20.38 -14.39 -2.02
CA ALA D 92 20.51 -13.65 -3.27
C ALA D 92 20.52 -12.13 -3.12
N GLN D 93 19.83 -11.61 -2.11
CA GLN D 93 19.67 -10.13 -1.97
C GLN D 93 20.97 -9.48 -1.50
N GLU D 94 21.75 -10.19 -0.69
CA GLU D 94 23.09 -9.72 -0.33
C GLU D 94 24.03 -9.67 -1.55
N PHE D 95 23.83 -10.63 -2.47
CA PHE D 95 24.60 -10.71 -3.73
C PHE D 95 24.25 -9.52 -4.64
N ALA D 96 22.95 -9.32 -4.84
CA ALA D 96 22.44 -8.16 -5.54
C ALA D 96 23.03 -6.88 -5.01
N ALA D 97 22.92 -6.68 -3.69
CA ALA D 97 23.37 -5.46 -3.04
C ALA D 97 24.79 -5.07 -3.42
N ASP D 98 25.67 -6.08 -3.48
CA ASP D 98 27.05 -5.85 -3.87
C ASP D 98 27.18 -5.48 -5.34
N VAL D 99 26.51 -6.22 -6.22
CA VAL D 99 26.59 -5.90 -7.65
C VAL D 99 26.08 -4.47 -7.89
N ARG D 100 24.97 -4.13 -7.22
CA ARG D 100 24.36 -2.81 -7.34
C ARG D 100 25.29 -1.73 -6.85
N LEU D 101 25.99 -2.02 -5.76
CA LEU D 101 26.96 -1.11 -5.18
C LEU D 101 28.06 -0.71 -6.16
N MET D 102 28.58 -1.71 -6.88
CA MET D 102 29.60 -1.52 -7.92
C MET D 102 29.16 -0.50 -8.97
N PHE D 103 27.91 -0.67 -9.40
CA PHE D 103 27.32 0.23 -10.38
C PHE D 103 27.07 1.59 -9.75
N SER D 104 26.46 1.55 -8.58
CA SER D 104 26.14 2.76 -7.86
C SER D 104 27.42 3.61 -7.70
N ASN D 105 28.54 2.96 -7.34
CA ASN D 105 29.84 3.66 -7.16
C ASN D 105 30.22 4.36 -8.46
N CYS D 106 30.10 3.63 -9.56
CA CYS D 106 30.44 4.15 -10.86
C CYS D 106 29.56 5.38 -11.14
N TYR D 107 28.26 5.28 -10.90
CA TYR D 107 27.38 6.44 -11.14
C TYR D 107 27.65 7.60 -10.19
N LYS D 108 28.00 7.29 -8.94
CA LYS D 108 28.25 8.32 -7.93
C LYS D 108 29.48 9.16 -8.28
N TYR D 109 30.57 8.48 -8.66
CA TYR D 109 31.82 9.14 -8.96
C TYR D 109 31.81 9.91 -10.25
N ASN D 110 31.08 9.44 -11.25
CA ASN D 110 31.25 9.92 -12.61
C ASN D 110 30.15 10.83 -13.12
N PRO D 111 30.52 11.73 -14.05
CA PRO D 111 29.51 12.53 -14.69
C PRO D 111 28.71 11.67 -15.69
N PRO D 112 27.47 12.08 -15.98
CA PRO D 112 26.58 11.23 -16.75
C PRO D 112 27.05 10.93 -18.18
N ASP D 113 27.84 11.80 -18.78
CA ASP D 113 28.34 11.58 -20.15
C ASP D 113 29.63 10.71 -20.25
N HIS D 114 30.24 10.31 -19.13
CA HIS D 114 31.45 9.45 -19.21
C HIS D 114 31.20 8.06 -19.84
N ASP D 115 32.08 7.65 -20.74
CA ASP D 115 31.97 6.32 -21.34
C ASP D 115 31.83 5.17 -20.34
N VAL D 116 32.44 5.27 -19.17
CA VAL D 116 32.30 4.20 -18.15
C VAL D 116 30.85 4.06 -17.62
N VAL D 117 30.13 5.18 -17.58
CA VAL D 117 28.74 5.19 -17.13
C VAL D 117 27.89 4.45 -18.16
N ALA D 118 28.09 4.73 -19.45
CA ALA D 118 27.39 4.04 -20.52
C ALA D 118 27.67 2.54 -20.51
N MET D 119 28.92 2.18 -20.26
CA MET D 119 29.28 0.76 -20.12
C MET D 119 28.68 0.14 -18.86
N ALA D 120 28.66 0.87 -17.77
CA ALA D 120 28.05 0.38 -16.53
C ALA D 120 26.57 0.02 -16.76
N ARG D 121 25.89 0.93 -17.43
CA ARG D 121 24.49 0.75 -17.81
C ARG D 121 24.22 -0.48 -18.68
N LYS D 122 25.05 -0.71 -19.69
CA LYS D 122 24.91 -1.91 -20.52
C LYS D 122 25.03 -3.16 -19.67
N LEU D 123 26.02 -3.18 -18.79
CA LEU D 123 26.26 -4.34 -17.94
C LEU D 123 25.17 -4.47 -16.90
N GLN D 124 24.77 -3.36 -16.29
CA GLN D 124 23.66 -3.42 -15.34
C GLN D 124 22.38 -3.92 -15.98
N ASP D 125 22.16 -3.60 -17.25
CA ASP D 125 20.94 -4.08 -17.92
C ASP D 125 20.98 -5.62 -18.02
N VAL D 126 22.16 -6.20 -18.20
CA VAL D 126 22.33 -7.65 -18.16
C VAL D 126 22.03 -8.20 -16.77
N PHE D 127 22.60 -7.58 -15.74
CA PHE D 127 22.44 -8.07 -14.37
C PHE D 127 20.99 -8.02 -13.91
N GLU D 128 20.36 -6.84 -14.06
CA GLU D 128 18.98 -6.61 -13.56
C GLU D 128 17.98 -7.56 -14.20
N PHE D 129 18.20 -7.88 -15.47
CA PHE D 129 17.32 -8.75 -16.19
C PHE D 129 17.37 -10.18 -15.68
N ARG D 130 18.56 -10.75 -15.61
CA ARG D 130 18.70 -12.14 -15.15
C ARG D 130 18.36 -12.32 -13.66
N TYR D 131 18.63 -11.32 -12.82
CA TYR D 131 18.21 -11.37 -11.41
C TYR D 131 16.69 -11.40 -11.30
N ALA D 132 16.05 -10.53 -12.05
CA ALA D 132 14.59 -10.54 -12.15
C ALA D 132 13.95 -11.88 -12.55
N LYS D 133 14.65 -12.74 -13.33
CA LYS D 133 14.16 -14.11 -13.68
C LYS D 133 14.48 -15.25 -12.67
N MET D 134 14.91 -14.92 -11.47
CA MET D 134 15.21 -15.90 -10.45
C MET D 134 13.96 -16.65 -9.95
N PRO D 135 13.92 -18.01 -10.10
CA PRO D 135 12.80 -18.77 -9.51
C PRO D 135 12.89 -18.86 -7.99
#